data_4AL7
#
_entry.id   4AL7
#
_cell.length_a   62.740
_cell.length_b   47.280
_cell.length_c   87.930
_cell.angle_alpha   90.00
_cell.angle_beta   106.72
_cell.angle_gamma   90.00
#
_symmetry.space_group_name_H-M   'C 1 2 1'
#
loop_
_entity.id
_entity.type
_entity.pdbx_description
1 polymer 'CSY4 ENDORIBONUCLEASE'
2 polymer "5'-R(*CP*UP*GP*CP*CP*GP*UP*AP*UP*AP*GP*GP*CP*AP*G)-3'"
3 water water
#
loop_
_entity_poly.entity_id
_entity_poly.type
_entity_poly.pdbx_seq_one_letter_code
_entity_poly.pdbx_strand_id
1 'polypeptide(L)'
;GSFTMDHYLDIRLRPDPEFPPAQLMSVLFGKLHQALVAQGGDRIGVSFPDLDESRSRLGERLRIHASADDLRALLARPWL
EGLRDHLQFGEPAVVPHPTPYRQVSRVQAKSNPERLRRRLMRRHDLSEEEARKRIPDTVARALDLPFVTLRSQSTGQHFR
LFIRHGPLQVTAEEGGFTCYGLSKGGFVPWF
;
A
2 'polyribonucleotide' UUCACUGCCGUAUAGGCAGC B
#
loop_
_chem_comp.id
_chem_comp.type
_chem_comp.name
_chem_comp.formula
A RNA linking ADENOSINE-5'-MONOPHOSPHATE 'C10 H14 N5 O7 P'
C RNA linking CYTIDINE-5'-MONOPHOSPHATE 'C9 H14 N3 O8 P'
G RNA linking GUANOSINE-5'-MONOPHOSPHATE 'C10 H14 N5 O8 P'
U RNA linking URIDINE-5'-MONOPHOSPHATE 'C9 H13 N2 O9 P'
#
# COMPACT_ATOMS: atom_id res chain seq x y z
N PHE A 3 -0.71 -19.43 -2.03
CA PHE A 3 -0.08 -18.08 -1.93
C PHE A 3 0.24 -17.59 -3.32
N THR A 4 -0.79 -17.27 -4.08
CA THR A 4 -0.64 -16.79 -5.44
C THR A 4 -0.15 -15.33 -5.54
N MET A 5 0.03 -14.65 -4.41
CA MET A 5 0.54 -13.27 -4.44
C MET A 5 2.00 -13.25 -4.03
N ASP A 6 2.83 -13.72 -4.95
CA ASP A 6 4.24 -13.94 -4.69
C ASP A 6 5.07 -12.86 -5.36
N HIS A 7 4.41 -11.84 -5.92
CA HIS A 7 5.13 -10.68 -6.50
C HIS A 7 4.92 -9.36 -5.74
N TYR A 8 5.85 -8.45 -5.86
CA TYR A 8 5.73 -7.19 -5.13
C TYR A 8 6.50 -6.14 -5.88
N LEU A 9 6.26 -4.88 -5.52
CA LEU A 9 7.11 -3.78 -6.03
C LEU A 9 7.29 -2.78 -4.93
N ASP A 10 8.51 -2.33 -4.66
CA ASP A 10 8.58 -1.22 -3.72
C ASP A 10 8.51 0.12 -4.42
N ILE A 11 7.62 0.99 -3.97
CA ILE A 11 7.67 2.43 -4.34
C ILE A 11 8.18 3.28 -3.17
N ARG A 12 9.31 3.94 -3.40
CA ARG A 12 9.94 4.81 -2.41
C ARG A 12 9.70 6.32 -2.62
N LEU A 13 9.27 7.04 -1.59
CA LEU A 13 9.15 8.50 -1.70
C LEU A 13 10.50 9.17 -1.67
N ARG A 14 10.80 10.04 -2.67
CA ARG A 14 12.03 10.85 -2.63
C ARG A 14 11.82 12.01 -1.64
N PRO A 15 12.80 12.30 -0.78
CA PRO A 15 12.57 13.44 0.16
C PRO A 15 12.38 14.75 -0.59
N ASP A 16 11.51 15.59 -0.07
CA ASP A 16 11.13 16.79 -0.73
C ASP A 16 11.13 17.96 0.27
N PRO A 17 11.82 19.08 -0.07
CA PRO A 17 11.87 20.32 0.75
C PRO A 17 10.50 20.88 1.21
N GLU A 18 9.48 20.79 0.36
CA GLU A 18 8.21 21.44 0.63
C GLU A 18 7.04 20.51 0.98
N PHE A 19 7.19 19.21 0.80
CA PHE A 19 6.11 18.32 1.21
C PHE A 19 6.63 17.29 2.21
N PRO A 20 6.04 17.24 3.42
CA PRO A 20 6.52 16.18 4.31
C PRO A 20 6.15 14.81 3.70
N PRO A 21 6.88 13.74 4.05
CA PRO A 21 6.56 12.37 3.64
C PRO A 21 5.09 11.97 3.74
N ALA A 22 4.42 12.40 4.79
CA ALA A 22 3.08 11.91 5.06
C ALA A 22 2.13 12.44 4.00
N GLN A 23 2.43 13.64 3.51
CA GLN A 23 1.60 14.27 2.47
C GLN A 23 1.77 13.56 1.08
N LEU A 24 3.00 13.29 0.73
CA LEU A 24 3.26 12.55 -0.51
C LEU A 24 2.61 11.15 -0.48
N MET A 25 2.78 10.48 0.66
CA MET A 25 2.33 9.13 0.79
C MET A 25 0.85 9.14 0.58
N SER A 26 0.15 10.15 1.12
CA SER A 26 -1.33 10.17 1.02
C SER A 26 -1.72 10.33 -0.42
N VAL A 27 -0.90 11.10 -1.15
CA VAL A 27 -1.14 11.35 -2.57
C VAL A 27 -0.85 10.08 -3.35
N LEU A 28 0.28 9.46 -3.06
CA LEU A 28 0.56 8.15 -3.66
C LEU A 28 -0.54 7.16 -3.47
N PHE A 29 -1.12 7.18 -2.27
CA PHE A 29 -2.06 6.17 -1.83
C PHE A 29 -3.46 6.43 -2.41
N GLY A 30 -3.86 7.69 -2.46
CA GLY A 30 -5.04 8.09 -3.20
C GLY A 30 -4.94 7.69 -4.68
N LYS A 31 -3.79 7.91 -5.27
CA LYS A 31 -3.64 7.54 -6.70
C LYS A 31 -3.72 6.05 -6.93
N LEU A 32 -3.09 5.25 -6.06
CA LEU A 32 -3.23 3.82 -6.16
C LEU A 32 -4.70 3.44 -6.00
N HIS A 33 -5.38 4.07 -5.04
CA HIS A 33 -6.82 3.81 -4.86
C HIS A 33 -7.58 3.96 -6.19
N GLN A 34 -7.32 5.04 -6.94
CA GLN A 34 -7.92 5.25 -8.26
C GLN A 34 -7.56 4.17 -9.27
N ALA A 35 -6.30 3.79 -9.32
CA ALA A 35 -5.89 2.68 -10.17
C ALA A 35 -6.57 1.36 -9.75
N LEU A 36 -6.85 1.14 -8.45
CA LEU A 36 -7.46 -0.12 -8.06
C LEU A 36 -8.91 -0.10 -8.51
N VAL A 37 -9.57 1.03 -8.31
CA VAL A 37 -10.97 1.13 -8.69
C VAL A 37 -11.19 0.90 -10.19
N ALA A 38 -10.12 0.97 -10.98
CA ALA A 38 -10.23 0.87 -12.45
C ALA A 38 -9.86 -0.51 -12.94
N GLN A 39 -8.79 -1.07 -12.38
CA GLN A 39 -8.38 -2.43 -12.65
C GLN A 39 -9.51 -3.42 -12.31
N GLY A 40 -10.27 -3.08 -11.28
CA GLY A 40 -11.25 -4.01 -10.74
C GLY A 40 -10.53 -5.13 -10.03
N GLY A 41 -11.27 -5.93 -9.28
CA GLY A 41 -10.70 -7.08 -8.60
C GLY A 41 -10.41 -6.83 -7.13
N ASP A 42 -9.83 -7.82 -6.49
CA ASP A 42 -9.55 -7.73 -5.06
C ASP A 42 -8.28 -8.49 -4.72
N ARG A 43 -7.44 -8.74 -5.72
CA ARG A 43 -6.22 -9.49 -5.46
C ARG A 43 -4.93 -8.63 -5.41
N ILE A 44 -5.06 -7.34 -5.08
CA ILE A 44 -3.90 -6.45 -4.90
C ILE A 44 -3.85 -5.87 -3.49
N GLY A 45 -2.78 -6.18 -2.77
CA GLY A 45 -2.58 -5.65 -1.42
C GLY A 45 -1.36 -4.71 -1.27
N VAL A 46 -1.30 -3.99 -0.16
CA VAL A 46 -0.17 -3.08 0.08
C VAL A 46 0.31 -3.32 1.47
N SER A 47 1.52 -2.88 1.74
CA SER A 47 2.04 -2.90 3.08
C SER A 47 2.99 -1.75 3.12
N PHE A 48 3.24 -1.27 4.31
CA PHE A 48 4.18 -0.22 4.47
C PHE A 48 5.38 -0.73 5.20
N PRO A 49 6.38 -1.21 4.43
CA PRO A 49 7.51 -1.84 5.11
C PRO A 49 8.30 -1.04 6.10
N ASP A 50 8.39 0.27 5.96
CA ASP A 50 9.17 1.04 6.92
C ASP A 50 8.35 1.55 8.06
N LEU A 51 7.11 1.07 8.15
CA LEU A 51 6.26 1.34 9.31
C LEU A 51 7.06 1.62 10.61
N ASP A 52 6.73 2.69 11.33
CA ASP A 52 7.25 2.88 12.68
C ASP A 52 6.10 2.91 13.68
N GLU A 53 5.93 1.82 14.41
CA GLU A 53 4.95 1.67 15.50
C GLU A 53 4.99 2.82 16.51
N SER A 54 6.19 3.07 17.03
CA SER A 54 6.42 4.09 18.05
C SER A 54 6.06 5.54 17.66
N ARG A 55 6.44 5.99 16.44
CA ARG A 55 6.14 7.35 15.98
C ARG A 55 4.79 7.37 15.22
N SER A 56 4.09 6.25 15.21
CA SER A 56 2.87 6.12 14.43
C SER A 56 3.06 6.69 13.02
N ARG A 57 4.15 6.31 12.37
CA ARG A 57 4.49 6.82 11.02
C ARG A 57 4.43 5.61 10.06
N LEU A 58 3.71 5.75 8.95
CA LEU A 58 3.69 4.74 7.87
C LEU A 58 5.03 4.49 7.16
N GLY A 59 5.96 5.43 7.27
CA GLY A 59 7.30 5.25 6.72
C GLY A 59 7.36 5.75 5.30
N GLU A 60 8.51 5.61 4.68
CA GLU A 60 8.70 6.18 3.34
C GLU A 60 8.47 5.21 2.19
N ARG A 61 8.05 3.95 2.46
CA ARG A 61 7.81 2.97 1.39
C ARG A 61 6.38 2.46 1.34
N LEU A 62 5.90 2.24 0.11
CA LEU A 62 4.62 1.65 -0.18
C LEU A 62 4.97 0.36 -0.93
N ARG A 63 4.61 -0.82 -0.39
CA ARG A 63 4.88 -2.04 -1.12
C ARG A 63 3.56 -2.51 -1.68
N ILE A 64 3.57 -2.88 -2.95
CA ILE A 64 2.39 -3.39 -3.60
C ILE A 64 2.57 -4.87 -3.86
N HIS A 65 1.55 -5.68 -3.53
CA HIS A 65 1.65 -7.16 -3.57
C HIS A 65 0.62 -7.68 -4.54
N ALA A 66 1.05 -8.56 -5.43
CA ALA A 66 0.19 -9.12 -6.44
C ALA A 66 0.87 -10.28 -7.13
N SER A 67 0.06 -11.04 -7.86
CA SER A 67 0.56 -12.05 -8.78
C SER A 67 1.34 -11.34 -9.85
N ALA A 68 2.22 -12.10 -10.49
CA ALA A 68 3.14 -11.58 -11.46
C ALA A 68 2.41 -10.81 -12.56
N ASP A 69 1.26 -11.32 -12.98
CA ASP A 69 0.50 -10.63 -14.04
C ASP A 69 -0.54 -9.60 -13.54
N ASP A 70 -1.06 -9.75 -12.33
CA ASP A 70 -1.88 -8.67 -11.74
C ASP A 70 -1.01 -7.45 -11.58
N LEU A 71 0.21 -7.67 -11.12
CA LEU A 71 1.18 -6.59 -10.94
C LEU A 71 1.48 -5.87 -12.28
N ARG A 72 1.73 -6.64 -13.34
CA ARG A 72 1.96 -6.08 -14.68
C ARG A 72 0.76 -5.25 -15.26
N ALA A 73 -0.44 -5.79 -15.23
CA ALA A 73 -1.58 -5.02 -15.66
C ALA A 73 -1.64 -3.68 -14.93
N LEU A 74 -1.39 -3.71 -13.62
CA LEU A 74 -1.44 -2.48 -12.80
C LEU A 74 -0.40 -1.43 -13.21
N LEU A 75 0.83 -1.84 -13.38
CA LEU A 75 1.92 -0.91 -13.75
C LEU A 75 1.82 -0.38 -15.20
N ALA A 76 1.18 -1.12 -16.10
CA ALA A 76 0.92 -0.63 -17.45
C ALA A 76 -0.26 0.36 -17.51
N ARG A 77 -0.71 0.82 -16.35
CA ARG A 77 -1.66 1.91 -16.28
C ARG A 77 -0.96 3.23 -15.94
N PRO A 78 -1.57 4.37 -16.33
CA PRO A 78 -0.95 5.69 -16.17
C PRO A 78 -1.41 6.33 -14.88
N TRP A 79 -1.27 5.60 -13.78
CA TRP A 79 -1.85 6.02 -12.50
C TRP A 79 -0.83 6.85 -11.76
N LEU A 80 0.43 6.61 -12.11
CA LEU A 80 1.55 7.36 -11.54
C LEU A 80 1.95 8.58 -12.38
N GLU A 81 1.33 8.74 -13.55
CA GLU A 81 1.50 9.95 -14.31
C GLU A 81 1.30 11.13 -13.36
N GLY A 82 2.35 11.94 -13.18
CA GLY A 82 2.25 13.14 -12.36
C GLY A 82 2.91 13.06 -11.00
N LEU A 83 3.25 11.87 -10.55
CA LEU A 83 3.91 11.70 -9.26
C LEU A 83 5.32 11.16 -9.42
N ARG A 84 5.69 10.75 -10.62
CA ARG A 84 6.81 9.83 -10.74
C ARG A 84 8.09 10.52 -10.30
N ASP A 85 8.09 11.84 -10.48
CA ASP A 85 9.26 12.66 -10.14
C ASP A 85 9.50 12.63 -8.67
N HIS A 86 8.42 12.41 -7.92
CA HIS A 86 8.53 12.28 -6.46
CA HIS A 86 8.52 12.27 -6.45
C HIS A 86 8.83 10.86 -5.91
N LEU A 87 9.12 9.90 -6.80
CA LEU A 87 9.26 8.50 -6.38
C LEU A 87 10.47 7.78 -6.92
N GLN A 88 11.04 6.86 -6.16
CA GLN A 88 11.88 5.87 -6.85
C GLN A 88 11.28 4.44 -6.75
N PHE A 89 11.41 3.67 -7.82
CA PHE A 89 10.73 2.36 -7.88
C PHE A 89 11.77 1.29 -7.88
N GLY A 90 11.45 0.21 -7.14
CA GLY A 90 12.27 -0.99 -7.13
C GLY A 90 11.91 -1.80 -8.37
N GLU A 91 12.57 -2.94 -8.57
CA GLU A 91 12.14 -3.81 -9.66
C GLU A 91 11.07 -4.81 -9.18
N PRO A 92 10.00 -4.98 -9.95
CA PRO A 92 9.01 -6.04 -9.72
C PRO A 92 9.74 -7.35 -9.44
N ALA A 93 9.55 -7.91 -8.26
CA ALA A 93 10.33 -9.07 -7.91
C ALA A 93 9.45 -10.19 -7.28
N VAL A 94 9.96 -11.42 -7.31
CA VAL A 94 9.41 -12.48 -6.49
C VAL A 94 9.76 -12.20 -5.03
N VAL A 95 8.79 -12.34 -4.12
CA VAL A 95 9.12 -12.20 -2.67
C VAL A 95 10.22 -13.20 -2.16
N PRO A 96 10.97 -12.77 -1.14
CA PRO A 96 11.90 -13.67 -0.43
C PRO A 96 11.03 -14.76 0.25
N HIS A 97 11.61 -15.85 0.68
CA HIS A 97 10.81 -16.83 1.41
C HIS A 97 11.82 -17.57 2.25
N PRO A 98 11.40 -18.02 3.45
CA PRO A 98 10.04 -17.80 3.94
C PRO A 98 9.86 -16.41 4.54
N THR A 99 8.60 -16.02 4.78
CA THR A 99 8.29 -14.83 5.53
C THR A 99 7.02 -15.05 6.33
N PRO A 100 6.87 -14.28 7.38
CA PRO A 100 5.58 -14.16 8.01
C PRO A 100 4.57 -13.50 7.10
N TYR A 101 3.31 -13.56 7.49
CA TYR A 101 2.25 -12.90 6.76
C TYR A 101 1.53 -12.07 7.76
N ARG A 102 0.97 -10.93 7.34
CA ARG A 102 0.08 -10.19 8.25
C ARG A 102 -1.06 -9.56 7.48
N GLN A 103 -2.09 -9.15 8.21
CA GLN A 103 -3.17 -8.38 7.61
C GLN A 103 -2.88 -6.91 7.79
N VAL A 104 -3.09 -6.14 6.73
CA VAL A 104 -2.90 -4.72 6.81
C VAL A 104 -4.25 -4.26 6.47
N SER A 105 -4.92 -3.65 7.46
CA SER A 105 -6.35 -3.34 7.37
C SER A 105 -6.69 -1.92 7.77
N ARG A 106 -7.83 -1.48 7.27
CA ARG A 106 -8.41 -0.24 7.72
C ARG A 106 -9.11 -0.42 9.06
N VAL A 107 -8.72 0.39 10.01
CA VAL A 107 -9.36 0.45 11.31
C VAL A 107 -10.18 1.73 11.40
N GLN A 108 -11.49 1.63 11.20
CA GLN A 108 -12.38 2.78 11.35
C GLN A 108 -12.73 2.98 12.82
N ALA A 142 -6.24 8.75 20.32
CA ALA A 142 -7.03 7.62 20.83
C ALA A 142 -6.80 6.37 19.97
N LEU A 143 -6.86 6.58 18.64
CA LEU A 143 -6.23 5.69 17.65
C LEU A 143 -4.76 6.01 17.67
N ASP A 144 -3.94 5.16 18.27
CA ASP A 144 -2.51 5.35 18.15
C ASP A 144 -2.09 4.79 16.80
N LEU A 145 -2.78 5.20 15.73
CA LEU A 145 -2.55 4.62 14.37
C LEU A 145 -2.11 5.59 13.26
N PRO A 146 -1.14 5.14 12.44
CA PRO A 146 -0.82 5.96 11.26
C PRO A 146 -2.03 6.07 10.33
N PHE A 147 -1.99 7.09 9.50
CA PHE A 147 -3.12 7.31 8.66
C PHE A 147 -2.64 8.01 7.41
N VAL A 148 -3.45 7.90 6.36
CA VAL A 148 -3.35 8.77 5.24
C VAL A 148 -4.58 9.67 5.20
N THR A 149 -4.38 10.88 4.67
CA THR A 149 -5.46 11.83 4.42
C THR A 149 -5.86 11.80 2.94
N LEU A 150 -7.15 11.63 2.70
CA LEU A 150 -7.68 11.54 1.35
C LEU A 150 -8.81 12.58 1.16
N ARG A 151 -9.36 12.62 -0.05
CA ARG A 151 -10.51 13.45 -0.37
C ARG A 151 -11.51 12.61 -1.16
N SER A 152 -12.67 13.16 -1.51
CA SER A 152 -13.55 12.51 -2.49
C SER A 152 -14.62 13.43 -3.04
N SER A 154 -18.16 12.62 -2.99
CA SER A 154 -18.21 13.67 -4.01
C SER A 154 -17.83 15.00 -3.35
N THR A 155 -18.14 15.13 -2.06
CA THR A 155 -17.76 16.31 -1.30
C THR A 155 -16.32 16.70 -1.58
N GLY A 156 -15.97 17.94 -1.28
CA GLY A 156 -14.59 18.35 -1.37
C GLY A 156 -13.80 17.82 -0.19
N GLN A 157 -14.51 17.26 0.80
CA GLN A 157 -13.94 17.10 2.14
C GLN A 157 -12.80 16.07 2.32
N HIS A 158 -11.90 16.44 3.24
CA HIS A 158 -10.78 15.61 3.62
C HIS A 158 -11.22 14.60 4.67
N PHE A 159 -10.71 13.37 4.56
CA PHE A 159 -10.84 12.41 5.66
C PHE A 159 -9.56 11.60 5.90
N ARG A 160 -9.35 11.23 7.17
CA ARG A 160 -8.25 10.37 7.54
C ARG A 160 -8.65 8.91 7.37
N LEU A 161 -7.77 8.09 6.83
CA LEU A 161 -8.02 6.67 6.74
C LEU A 161 -6.92 5.98 7.55
N PHE A 162 -7.33 5.25 8.60
CA PHE A 162 -6.39 4.75 9.61
C PHE A 162 -5.95 3.34 9.23
N ILE A 163 -4.69 3.03 9.45
CA ILE A 163 -4.17 1.77 8.98
C ILE A 163 -3.42 1.04 10.08
N ARG A 164 -3.69 -0.25 10.16
CA ARG A 164 -3.09 -1.08 11.19
C ARG A 164 -2.45 -2.29 10.57
N HIS A 165 -1.18 -2.49 10.90
CA HIS A 165 -0.53 -3.72 10.53
C HIS A 165 -0.76 -4.73 11.66
N GLY A 166 -1.38 -5.84 11.29
CA GLY A 166 -1.72 -6.94 12.17
C GLY A 166 -0.61 -7.88 12.61
N PRO A 167 -0.90 -8.72 13.62
CA PRO A 167 0.09 -9.64 14.17
C PRO A 167 0.66 -10.57 13.12
N LEU A 168 1.94 -10.89 13.29
CA LEU A 168 2.59 -11.81 12.38
C LEU A 168 2.07 -13.25 12.54
N GLN A 169 1.62 -13.83 11.43
CA GLN A 169 1.31 -15.24 11.33
C GLN A 169 2.33 -16.03 10.46
N VAL A 170 2.39 -17.34 10.66
CA VAL A 170 3.32 -18.23 10.03
C VAL A 170 2.83 -18.45 8.60
N THR A 171 1.51 -18.47 8.44
CA THR A 171 0.93 -18.68 7.13
C THR A 171 -0.19 -17.73 6.85
N ALA A 172 -0.68 -17.81 5.62
CA ALA A 172 -1.72 -16.90 5.13
C ALA A 172 -3.07 -17.58 4.98
N GLU A 173 -4.08 -17.09 5.70
CA GLU A 173 -5.46 -17.51 5.48
C GLU A 173 -5.96 -16.83 4.20
N GLU A 174 -6.84 -17.48 3.46
CA GLU A 174 -7.31 -16.91 2.19
C GLU A 174 -8.25 -15.74 2.47
N GLY A 175 -8.49 -14.92 1.44
CA GLY A 175 -9.28 -13.71 1.57
C GLY A 175 -8.79 -12.67 0.59
N GLY A 176 -9.56 -11.61 0.40
CA GLY A 176 -9.25 -10.60 -0.60
C GLY A 176 -8.85 -9.25 -0.02
N PHE A 177 -8.88 -8.22 -0.86
CA PHE A 177 -8.39 -6.89 -0.50
C PHE A 177 -9.42 -5.86 -0.93
N THR A 178 -9.47 -4.72 -0.24
CA THR A 178 -10.39 -3.64 -0.58
C THR A 178 -9.90 -2.85 -1.77
N CYS A 179 -10.63 -1.81 -2.10
CA CYS A 179 -10.24 -0.94 -3.20
C CYS A 179 -9.15 0.02 -2.78
N TYR A 180 -8.77 -0.08 -1.51
CA TYR A 180 -7.61 0.60 -0.96
C TYR A 180 -6.38 -0.30 -0.90
N GLY A 181 -6.56 -1.55 -1.31
CA GLY A 181 -5.49 -2.55 -1.27
C GLY A 181 -5.33 -3.08 0.15
N LEU A 182 -6.29 -2.75 1.01
CA LEU A 182 -6.21 -3.11 2.44
C LEU A 182 -6.99 -4.40 2.65
N SER A 183 -6.69 -5.12 3.72
CA SER A 183 -7.29 -6.45 3.92
C SER A 183 -8.81 -6.43 4.08
N LYS A 184 -9.50 -7.26 3.30
CA LYS A 184 -10.88 -7.66 3.62
C LYS A 184 -10.86 -9.18 3.88
N GLY A 185 -9.76 -9.66 4.47
CA GLY A 185 -9.56 -11.08 4.68
C GLY A 185 -8.15 -11.49 4.32
N GLY A 186 -7.64 -10.98 3.20
CA GLY A 186 -6.34 -11.40 2.68
C GLY A 186 -5.16 -10.99 3.57
N PHE A 187 -4.03 -11.63 3.32
CA PHE A 187 -2.84 -11.39 4.13
C PHE A 187 -1.71 -11.10 3.14
N VAL A 188 -0.65 -10.42 3.59
CA VAL A 188 0.51 -10.21 2.70
C VAL A 188 1.81 -10.64 3.36
N PRO A 189 2.77 -11.15 2.59
CA PRO A 189 4.06 -11.43 3.23
C PRO A 189 4.71 -10.18 3.91
N TRP A 190 5.32 -10.33 5.07
CA TRP A 190 5.98 -9.20 5.74
C TRP A 190 7.48 -9.38 5.73
N PHE A 191 8.20 -8.45 5.13
CA PHE A 191 9.66 -8.56 5.09
C PHE A 191 10.29 -7.20 4.99
#